data_5NI7
#
_entry.id   5NI7
#
_cell.length_a   62.620
_cell.length_b   62.620
_cell.length_c   157.300
_cell.angle_alpha   90.00
_cell.angle_beta   90.00
_cell.angle_gamma   90.00
#
_symmetry.space_group_name_H-M   'P 41 21 2'
#
loop_
_entity.id
_entity.type
_entity.pdbx_description
1 polymer 'Nuclear receptor ROR-gamma'
2 polymer 'The tethered SRC2-2 peptide'
3 non-polymer ~{N}-[4-(5-cyano-2-methoxy-phenyl)thiophen-2-yl]-2-(4-ethylsulfonylphenyl)ethanamide
4 non-polymer 'SODIUM ION'
5 non-polymer 'DIMETHYL SULFOXIDE'
6 water water
#
loop_
_entity_poly.entity_id
_entity_poly.type
_entity_poly.pdbx_seq_one_letter_code
_entity_poly.pdbx_strand_id
1 'polypeptide(L)'
;MHNHNHNHNHNHNGGENLYFQGASLTEIEHLVQSVCKSYRETCQLRLEDLLRQRSNIFSREEVTGYQRKSMWEMWERCAH
HLTEAIQYVVEFAKRLSGFMELCQNDQIVLLKAGAMEVVLVRMCRAYNADNRTVFFEGKYGGMELFRALGCSELISSIFD
FSHSLSALHFSEDEIALYTALVLINAHRPGLQEKRKVEQLQYNLELAFHHHLCKTHRQSILAKLPPKGKLRSLCSQHVER
LQIFQHLHPIVVQAAFPPLYKELFSGGSGGSGGKEKHKILHRLLQDSS
;
A
2 'polypeptide(L)' KEKHKILHRLLQDSS C
#
loop_
_chem_comp.id
_chem_comp.type
_chem_comp.name
_chem_comp.formula
8Y8 non-polymer ~{N}-[4-(5-cyano-2-methoxy-phenyl)thiophen-2-yl]-2-(4-ethylsulfonylphenyl)ethanamide 'C22 H20 N2 O4 S2'
DMS non-polymer 'DIMETHYL SULFOXIDE' 'C2 H6 O S'
NA non-polymer 'SODIUM ION' 'Na 1'
#
# COMPACT_ATOMS: atom_id res chain seq x y z
N GLU A 16 13.86 17.36 17.11
CA GLU A 16 13.32 16.01 17.12
C GLU A 16 13.83 15.19 15.93
N ASN A 17 13.94 15.83 14.74
CA ASN A 17 14.46 15.23 13.52
C ASN A 17 14.90 16.33 12.57
N LEU A 18 16.04 16.12 11.90
CA LEU A 18 16.60 17.03 10.92
C LEU A 18 15.61 17.35 9.80
N TYR A 19 14.80 16.35 9.42
CA TYR A 19 13.86 16.50 8.32
C TYR A 19 12.56 17.19 8.72
N PHE A 20 12.45 17.68 9.97
CA PHE A 20 11.32 18.52 10.37
C PHE A 20 11.65 20.01 10.13
N GLN A 21 12.87 20.28 9.61
CA GLN A 21 13.35 21.61 9.24
C GLN A 21 13.93 21.55 7.80
N GLY A 22 14.35 22.69 7.25
CA GLY A 22 14.92 22.78 5.91
C GLY A 22 16.19 21.96 5.79
N ALA A 23 16.25 21.07 4.77
CA ALA A 23 17.40 20.19 4.57
C ALA A 23 18.26 20.65 3.40
N SER A 24 19.58 20.54 3.53
CA SER A 24 20.54 20.84 2.48
C SER A 24 20.51 19.73 1.41
N LEU A 25 21.21 19.96 0.28
CA LEU A 25 21.33 18.96 -0.79
C LEU A 25 21.94 17.67 -0.27
N THR A 26 23.03 17.76 0.52
CA THR A 26 23.67 16.56 1.08
C THR A 26 22.72 15.78 1.97
N GLU A 27 21.91 16.48 2.78
CA GLU A 27 20.92 15.85 3.64
C GLU A 27 19.80 15.21 2.80
N ILE A 28 19.44 15.81 1.64
CA ILE A 28 18.42 15.24 0.73
C ILE A 28 18.97 13.97 0.09
N GLU A 29 20.25 13.98 -0.31
CA GLU A 29 20.92 12.78 -0.85
C GLU A 29 20.91 11.64 0.16
N HIS A 30 21.15 11.95 1.45
CA HIS A 30 21.13 10.93 2.48
C HIS A 30 19.73 10.36 2.64
N LEU A 31 18.69 11.22 2.58
CA LEU A 31 17.28 10.85 2.68
C LEU A 31 16.89 9.87 1.56
N VAL A 32 17.38 10.07 0.34
CA VAL A 32 17.13 9.14 -0.77
C VAL A 32 17.63 7.75 -0.39
N GLN A 33 18.87 7.66 0.02
CA GLN A 33 19.48 6.40 0.43
C GLN A 33 18.73 5.74 1.59
N SER A 34 18.38 6.50 2.59
CA SER A 34 17.66 6.03 3.78
C SER A 34 16.29 5.42 3.40
N VAL A 35 15.51 6.14 2.60
CA VAL A 35 14.20 5.66 2.19
C VAL A 35 14.32 4.38 1.37
N CYS A 36 15.29 4.33 0.45
CA CYS A 36 15.50 3.15 -0.37
C CYS A 36 15.93 1.94 0.44
N LYS A 37 16.75 2.17 1.48
CA LYS A 37 17.17 1.10 2.42
C LYS A 37 15.96 0.59 3.23
N SER A 38 15.19 1.49 3.84
CA SER A 38 13.98 1.15 4.60
C SER A 38 13.01 0.30 3.74
N TYR A 39 12.82 0.68 2.46
CA TYR A 39 11.98 -0.04 1.54
C TYR A 39 12.54 -1.44 1.26
N ARG A 40 13.84 -1.55 0.90
CA ARG A 40 14.49 -2.85 0.59
C ARG A 40 14.32 -3.86 1.73
N GLU A 41 14.43 -3.39 2.97
CA GLU A 41 14.27 -4.20 4.20
C GLU A 41 12.80 -4.57 4.52
N THR A 42 11.81 -3.92 3.90
CA THR A 42 10.40 -4.15 4.27
C THR A 42 9.52 -4.45 3.05
N CYS A 43 10.13 -4.80 1.93
CA CYS A 43 9.38 -4.93 0.69
C CYS A 43 8.50 -6.23 0.52
N GLN A 44 8.36 -7.10 1.55
CA GLN A 44 7.57 -8.37 1.60
C GLN A 44 8.11 -9.38 0.59
N LEU A 45 7.91 -9.15 -0.70
CA LEU A 45 8.47 -10.04 -1.73
C LEU A 45 9.52 -9.34 -2.57
N ARG A 46 10.55 -10.08 -2.99
CA ARG A 46 11.59 -9.58 -3.86
C ARG A 46 11.05 -9.48 -5.29
N LEU A 47 11.41 -8.38 -5.99
CA LEU A 47 11.00 -8.15 -7.36
C LEU A 47 11.44 -9.31 -8.26
N GLU A 48 12.70 -9.79 -8.11
CA GLU A 48 13.24 -10.92 -8.86
C GLU A 48 12.36 -12.17 -8.73
N ASP A 49 11.84 -12.45 -7.50
CA ASP A 49 10.93 -13.57 -7.23
C ASP A 49 9.59 -13.37 -7.95
N LEU A 50 9.04 -12.16 -7.90
CA LEU A 50 7.79 -11.87 -8.60
C LEU A 50 7.93 -12.01 -10.12
N LEU A 51 9.04 -11.54 -10.68
CA LEU A 51 9.26 -11.60 -12.12
C LEU A 51 9.46 -13.02 -12.62
N ARG A 52 10.22 -13.82 -11.86
CA ARG A 52 10.52 -15.22 -12.14
C ARG A 52 9.20 -16.06 -12.16
N GLN A 53 8.27 -15.74 -11.29
CA GLN A 53 7.02 -16.46 -11.13
C GLN A 53 5.96 -16.11 -12.17
N ARG A 54 6.24 -15.16 -13.08
CA ARG A 54 5.26 -14.76 -14.11
C ARG A 54 4.73 -15.91 -14.99
N SER A 55 5.55 -16.93 -15.23
CA SER A 55 5.18 -18.09 -16.06
C SER A 55 4.29 -19.09 -15.30
N ASN A 56 4.25 -19.00 -13.96
CA ASN A 56 3.44 -19.84 -13.08
C ASN A 56 2.01 -19.21 -12.93
N ILE A 57 1.11 -19.62 -13.83
CA ILE A 57 -0.26 -19.14 -13.96
C ILE A 57 -1.31 -20.17 -13.53
N PHE A 58 -2.34 -19.74 -12.80
CA PHE A 58 -3.42 -20.64 -12.40
C PHE A 58 -4.09 -21.25 -13.64
N SER A 59 -4.34 -22.56 -13.62
CA SER A 59 -5.01 -23.26 -14.71
C SER A 59 -6.49 -22.91 -14.70
N ARG A 60 -7.21 -23.24 -15.78
CA ARG A 60 -8.67 -23.04 -15.88
C ARG A 60 -9.39 -23.74 -14.72
N GLU A 61 -8.93 -24.96 -14.33
CA GLU A 61 -9.47 -25.73 -13.22
C GLU A 61 -9.27 -25.00 -11.87
N GLU A 62 -8.07 -24.43 -11.67
CA GLU A 62 -7.76 -23.68 -10.45
C GLU A 62 -8.64 -22.44 -10.33
N VAL A 63 -8.77 -21.69 -11.43
CA VAL A 63 -9.61 -20.49 -11.51
C VAL A 63 -11.06 -20.87 -11.12
N THR A 64 -11.61 -21.96 -11.73
CA THR A 64 -12.96 -22.46 -11.41
C THR A 64 -13.12 -22.76 -9.92
N GLY A 65 -12.10 -23.35 -9.30
CA GLY A 65 -12.06 -23.64 -7.88
C GLY A 65 -12.21 -22.39 -7.02
N TYR A 66 -11.51 -21.30 -7.39
CA TYR A 66 -11.61 -20.01 -6.69
C TYR A 66 -12.99 -19.41 -6.87
N GLN A 67 -13.54 -19.53 -8.10
CA GLN A 67 -14.88 -19.02 -8.43
C GLN A 67 -15.98 -19.74 -7.69
N ARG A 68 -15.76 -21.02 -7.34
CA ARG A 68 -16.74 -21.83 -6.60
C ARG A 68 -16.68 -21.63 -5.08
N LYS A 69 -15.68 -20.91 -4.60
CA LYS A 69 -15.57 -20.58 -3.17
C LYS A 69 -16.72 -19.67 -2.76
N SER A 70 -17.12 -19.74 -1.50
CA SER A 70 -18.19 -18.87 -1.03
C SER A 70 -17.69 -17.45 -0.98
N MET A 71 -18.61 -16.50 -1.00
CA MET A 71 -18.26 -15.11 -0.93
C MET A 71 -17.48 -14.81 0.35
N TRP A 72 -17.92 -15.37 1.47
CA TRP A 72 -17.31 -15.09 2.74
C TRP A 72 -15.93 -15.71 2.88
N GLU A 73 -15.72 -16.95 2.38
CA GLU A 73 -14.42 -17.63 2.41
C GLU A 73 -13.42 -16.78 1.60
N MET A 74 -13.83 -16.27 0.41
CA MET A 74 -12.97 -15.46 -0.45
C MET A 74 -12.63 -14.10 0.20
N TRP A 75 -13.61 -13.45 0.85
CA TRP A 75 -13.39 -12.19 1.56
C TRP A 75 -12.39 -12.38 2.69
N GLU A 76 -12.51 -13.48 3.43
CA GLU A 76 -11.62 -13.79 4.54
C GLU A 76 -10.20 -14.03 4.06
N ARG A 77 -10.03 -14.78 2.95
CA ARG A 77 -8.71 -15.02 2.39
C ARG A 77 -8.05 -13.69 1.96
N CYS A 78 -8.80 -12.84 1.25
CA CYS A 78 -8.28 -11.55 0.77
C CYS A 78 -7.97 -10.59 1.91
N ALA A 79 -8.79 -10.57 2.97
CA ALA A 79 -8.56 -9.72 4.16
C ALA A 79 -7.26 -10.15 4.82
N HIS A 80 -7.01 -11.46 4.94
CA HIS A 80 -5.79 -12.00 5.53
C HIS A 80 -4.56 -11.57 4.68
N HIS A 81 -4.62 -11.77 3.36
CA HIS A 81 -3.50 -11.40 2.48
C HIS A 81 -3.19 -9.90 2.54
N LEU A 82 -4.21 -9.03 2.51
CA LEU A 82 -4.09 -7.59 2.64
C LEU A 82 -3.44 -7.23 3.99
N THR A 83 -3.88 -7.86 5.09
CA THR A 83 -3.33 -7.61 6.44
C THR A 83 -1.86 -7.94 6.51
N GLU A 84 -1.43 -9.05 5.91
CA GLU A 84 -0.02 -9.43 5.87
C GLU A 84 0.79 -8.37 5.13
N ALA A 85 0.29 -7.87 3.97
CA ALA A 85 0.97 -6.80 3.23
C ALA A 85 1.05 -5.49 4.07
N ILE A 86 -0.03 -5.14 4.78
CA ILE A 86 -0.10 -3.96 5.63
C ILE A 86 0.93 -4.00 6.75
N GLN A 87 1.19 -5.20 7.29
CA GLN A 87 2.19 -5.36 8.34
C GLN A 87 3.59 -4.93 7.87
N TYR A 88 3.91 -5.20 6.61
CA TYR A 88 5.21 -4.74 6.07
C TYR A 88 5.24 -3.23 5.88
N VAL A 89 4.09 -2.63 5.56
CA VAL A 89 3.97 -1.17 5.42
C VAL A 89 4.17 -0.49 6.80
N VAL A 90 3.66 -1.10 7.86
CA VAL A 90 3.85 -0.56 9.20
C VAL A 90 5.35 -0.58 9.55
N GLU A 91 6.04 -1.66 9.19
CA GLU A 91 7.48 -1.73 9.42
C GLU A 91 8.24 -0.72 8.60
N PHE A 92 7.86 -0.50 7.32
CA PHE A 92 8.42 0.51 6.43
C PHE A 92 8.28 1.90 7.11
N ALA A 93 7.06 2.26 7.57
CA ALA A 93 6.78 3.51 8.27
C ALA A 93 7.71 3.67 9.49
N LYS A 94 7.85 2.67 10.33
CA LYS A 94 8.71 2.71 11.52
C LYS A 94 10.18 2.98 11.18
N ARG A 95 10.65 2.49 10.02
CA ARG A 95 12.04 2.67 9.58
C ARG A 95 12.27 3.97 8.81
N LEU A 96 11.19 4.70 8.52
CA LEU A 96 11.19 5.90 7.71
C LEU A 96 11.65 7.08 8.54
N SER A 97 12.67 7.83 8.02
CA SER A 97 13.23 8.99 8.71
C SER A 97 12.12 9.97 9.13
N GLY A 98 12.10 10.28 10.41
CA GLY A 98 11.13 11.20 10.99
C GLY A 98 9.83 10.62 11.50
N PHE A 99 9.37 9.49 10.92
CA PHE A 99 8.08 8.91 11.32
C PHE A 99 7.93 8.63 12.81
N MET A 100 8.93 8.01 13.43
CA MET A 100 8.86 7.67 14.84
C MET A 100 8.98 8.88 15.77
N GLU A 101 9.38 10.04 15.21
CA GLU A 101 9.49 11.31 15.93
C GLU A 101 8.17 12.06 15.93
N LEU A 102 7.18 11.59 15.15
CA LEU A 102 5.83 12.16 15.17
C LEU A 102 5.14 11.61 16.42
N CYS A 103 4.04 12.27 16.89
CA CYS A 103 3.31 11.75 18.05
C CYS A 103 2.50 10.53 17.62
N GLN A 104 2.12 9.67 18.59
CA GLN A 104 1.37 8.45 18.31
C GLN A 104 0.04 8.70 17.60
N ASN A 105 -0.67 9.79 17.94
CA ASN A 105 -1.91 10.14 17.28
C ASN A 105 -1.64 10.27 15.79
N ASP A 106 -0.61 11.03 15.41
CA ASP A 106 -0.31 11.29 14.02
C ASP A 106 0.24 10.07 13.28
N GLN A 107 1.01 9.20 13.93
CA GLN A 107 1.49 7.94 13.36
C GLN A 107 0.29 7.05 12.98
N ILE A 108 -0.70 6.96 13.85
CA ILE A 108 -1.92 6.21 13.63
C ILE A 108 -2.77 6.87 12.53
N VAL A 109 -2.94 8.20 12.54
CA VAL A 109 -3.69 8.90 11.48
C VAL A 109 -3.08 8.58 10.11
N LEU A 110 -1.74 8.70 10.00
CA LEU A 110 -1.03 8.46 8.76
C LEU A 110 -1.13 7.04 8.29
N LEU A 111 -1.03 6.07 9.20
CA LEU A 111 -1.15 4.65 8.83
C LEU A 111 -2.58 4.24 8.52
N LYS A 112 -3.56 4.76 9.25
CA LYS A 112 -4.98 4.44 8.99
C LYS A 112 -5.40 4.89 7.61
N ALA A 113 -4.96 6.06 7.21
CA ALA A 113 -5.28 6.62 5.90
C ALA A 113 -4.42 6.10 4.78
N GLY A 114 -3.15 5.84 5.06
CA GLY A 114 -2.20 5.53 4.00
C GLY A 114 -1.76 4.10 3.79
N ALA A 115 -1.91 3.22 4.78
CA ALA A 115 -1.43 1.85 4.64
C ALA A 115 -2.00 1.09 3.40
N MET A 116 -3.31 1.19 3.17
CA MET A 116 -3.95 0.58 2.00
C MET A 116 -3.43 1.23 0.71
N GLU A 117 -3.27 2.56 0.71
CA GLU A 117 -2.77 3.26 -0.47
C GLU A 117 -1.37 2.75 -0.86
N VAL A 118 -0.50 2.52 0.15
CA VAL A 118 0.86 2.00 -0.05
C VAL A 118 0.81 0.61 -0.63
N VAL A 119 -0.07 -0.24 -0.08
CA VAL A 119 -0.25 -1.60 -0.59
C VAL A 119 -0.67 -1.58 -2.06
N LEU A 120 -1.60 -0.71 -2.43
CA LEU A 120 -2.08 -0.61 -3.79
C LEU A 120 -0.97 -0.22 -4.75
N VAL A 121 -0.07 0.65 -4.32
CA VAL A 121 1.07 1.07 -5.14
C VAL A 121 2.07 -0.09 -5.25
N ARG A 122 2.45 -0.69 -4.09
CA ARG A 122 3.37 -1.83 -4.08
C ARG A 122 2.90 -2.96 -5.00
N MET A 123 1.59 -3.19 -5.05
CA MET A 123 0.93 -4.25 -5.82
C MET A 123 1.28 -4.23 -7.31
N CYS A 124 1.59 -3.07 -7.87
CA CYS A 124 1.93 -3.05 -9.30
C CYS A 124 3.18 -3.94 -9.62
N ARG A 125 4.08 -4.19 -8.65
CA ARG A 125 5.23 -5.09 -8.79
C ARG A 125 4.75 -6.54 -9.00
N ALA A 126 3.59 -6.89 -8.43
CA ALA A 126 3.02 -8.23 -8.46
C ALA A 126 2.04 -8.38 -9.60
N TYR A 127 1.90 -7.36 -10.43
CA TYR A 127 0.96 -7.35 -11.54
C TYR A 127 1.72 -7.43 -12.87
N ASN A 128 1.34 -8.38 -13.71
CA ASN A 128 1.94 -8.58 -15.02
C ASN A 128 1.03 -7.95 -16.10
N ALA A 129 1.43 -6.78 -16.60
CA ALA A 129 0.69 -6.03 -17.61
C ALA A 129 0.58 -6.76 -18.95
N ASP A 130 1.52 -7.72 -19.23
CA ASP A 130 1.51 -8.51 -20.48
C ASP A 130 0.25 -9.36 -20.66
N ASN A 131 -0.25 -9.96 -19.58
CA ASN A 131 -1.40 -10.86 -19.62
C ASN A 131 -2.49 -10.49 -18.65
N ARG A 132 -2.34 -9.34 -17.96
CA ARG A 132 -3.30 -8.77 -17.01
C ARG A 132 -3.58 -9.71 -15.84
N THR A 133 -2.50 -10.25 -15.25
CA THR A 133 -2.60 -11.16 -14.12
C THR A 133 -1.87 -10.57 -12.89
N VAL A 134 -2.30 -11.03 -11.71
CA VAL A 134 -1.72 -10.63 -10.44
C VAL A 134 -1.27 -11.88 -9.66
N PHE A 135 -0.19 -11.75 -8.90
CA PHE A 135 0.33 -12.80 -8.04
C PHE A 135 -0.58 -12.88 -6.80
N PHE A 136 -1.19 -14.05 -6.61
CA PHE A 136 -2.10 -14.30 -5.52
C PHE A 136 -1.95 -15.73 -5.13
N GLU A 137 -1.71 -16.02 -3.83
CA GLU A 137 -1.61 -17.38 -3.29
C GLU A 137 -0.71 -18.34 -4.13
N GLY A 138 0.49 -17.86 -4.48
CA GLY A 138 1.50 -18.65 -5.16
C GLY A 138 1.54 -18.64 -6.66
N LYS A 139 0.51 -18.14 -7.36
CA LYS A 139 0.52 -18.13 -8.82
C LYS A 139 -0.09 -16.85 -9.30
N TYR A 140 0.00 -16.61 -10.61
CA TYR A 140 -0.61 -15.47 -11.27
C TYR A 140 -1.98 -15.82 -11.77
N GLY A 141 -2.93 -14.93 -11.58
CA GLY A 141 -4.28 -15.11 -12.07
C GLY A 141 -4.93 -13.79 -12.47
N GLY A 142 -5.87 -13.86 -13.41
CA GLY A 142 -6.62 -12.71 -13.91
C GLY A 142 -7.70 -12.25 -12.94
N MET A 143 -8.37 -11.11 -13.25
CA MET A 143 -9.40 -10.61 -12.33
C MET A 143 -10.57 -11.59 -12.13
N GLU A 144 -10.78 -12.53 -13.07
CA GLU A 144 -11.82 -13.57 -12.95
C GLU A 144 -11.63 -14.47 -11.72
N LEU A 145 -10.40 -14.55 -11.19
CA LEU A 145 -10.10 -15.32 -9.99
C LEU A 145 -10.92 -14.80 -8.78
N PHE A 146 -11.25 -13.51 -8.79
CA PHE A 146 -11.95 -12.85 -7.68
C PHE A 146 -13.47 -12.71 -7.84
N ARG A 147 -14.07 -13.37 -8.86
CA ARG A 147 -15.52 -13.34 -9.11
C ARG A 147 -16.42 -13.70 -7.90
N ALA A 148 -15.98 -14.59 -6.98
CA ALA A 148 -16.81 -14.90 -5.81
C ALA A 148 -16.99 -13.75 -4.81
N LEU A 149 -16.11 -12.70 -4.85
CA LEU A 149 -16.20 -11.56 -3.92
C LEU A 149 -17.43 -10.72 -4.10
N GLY A 150 -17.92 -10.67 -5.35
CA GLY A 150 -19.09 -9.86 -5.68
C GLY A 150 -18.86 -8.37 -5.50
N CYS A 151 -17.65 -7.89 -5.89
CA CYS A 151 -17.29 -6.46 -5.94
C CYS A 151 -16.47 -6.20 -7.22
N SER A 152 -17.05 -6.62 -8.36
CA SER A 152 -16.40 -6.58 -9.70
C SER A 152 -15.85 -5.21 -10.08
N GLU A 153 -16.60 -4.13 -9.78
CA GLU A 153 -16.17 -2.76 -10.06
C GLU A 153 -14.89 -2.42 -9.33
N LEU A 154 -14.85 -2.67 -8.01
CA LEU A 154 -13.65 -2.45 -7.19
C LEU A 154 -12.46 -3.28 -7.71
N ILE A 155 -12.68 -4.57 -8.02
CA ILE A 155 -11.58 -5.42 -8.52
C ILE A 155 -11.05 -4.90 -9.83
N SER A 156 -11.96 -4.56 -10.76
CA SER A 156 -11.57 -4.03 -12.08
C SER A 156 -10.83 -2.69 -11.93
N SER A 157 -11.27 -1.83 -11.02
CA SER A 157 -10.61 -0.56 -10.70
C SER A 157 -9.19 -0.78 -10.17
N ILE A 158 -8.99 -1.77 -9.31
CA ILE A 158 -7.67 -2.10 -8.76
C ILE A 158 -6.77 -2.65 -9.86
N PHE A 159 -7.30 -3.51 -10.74
CA PHE A 159 -6.51 -4.04 -11.87
C PHE A 159 -6.09 -2.92 -12.82
N ASP A 160 -7.01 -1.99 -13.10
CA ASP A 160 -6.75 -0.82 -13.96
C ASP A 160 -5.68 0.05 -13.37
N PHE A 161 -5.73 0.28 -12.07
CA PHE A 161 -4.74 1.09 -11.37
C PHE A 161 -3.34 0.44 -11.46
N SER A 162 -3.25 -0.87 -11.19
CA SER A 162 -2.01 -1.62 -11.32
C SER A 162 -1.49 -1.59 -12.75
N HIS A 163 -2.40 -1.65 -13.75
CA HIS A 163 -2.04 -1.59 -15.16
C HIS A 163 -1.39 -0.23 -15.49
N SER A 164 -2.03 0.87 -15.04
CA SER A 164 -1.54 2.21 -15.26
C SER A 164 -0.19 2.45 -14.60
N LEU A 165 0.02 1.94 -13.38
CA LEU A 165 1.30 2.08 -12.71
C LEU A 165 2.36 1.27 -13.40
N SER A 166 2.01 0.06 -13.87
CA SER A 166 2.94 -0.82 -14.60
C SER A 166 3.49 -0.19 -15.88
N ALA A 167 2.68 0.65 -16.56
CA ALA A 167 3.04 1.37 -17.78
C ALA A 167 4.14 2.41 -17.54
N LEU A 168 4.36 2.81 -16.26
CA LEU A 168 5.40 3.78 -15.88
C LEU A 168 6.75 3.13 -15.70
N HIS A 169 6.80 1.80 -15.66
CA HIS A 169 8.03 1.02 -15.45
C HIS A 169 8.82 1.52 -14.24
N PHE A 170 8.16 1.60 -13.07
CA PHE A 170 8.83 2.04 -11.85
C PHE A 170 9.98 1.14 -11.48
N SER A 171 11.05 1.73 -10.97
CA SER A 171 12.15 0.96 -10.40
C SER A 171 11.76 0.76 -8.91
N GLU A 172 12.50 -0.11 -8.19
CA GLU A 172 12.33 -0.31 -6.75
C GLU A 172 12.55 0.97 -5.97
N ASP A 173 13.56 1.78 -6.37
CA ASP A 173 13.85 3.07 -5.73
C ASP A 173 12.74 4.09 -5.92
N GLU A 174 12.14 4.12 -7.12
CA GLU A 174 11.00 5.00 -7.39
C GLU A 174 9.81 4.62 -6.52
N ILE A 175 9.48 3.32 -6.40
CA ILE A 175 8.43 2.83 -5.50
C ILE A 175 8.71 3.19 -4.05
N ALA A 176 9.97 3.04 -3.59
CA ALA A 176 10.36 3.39 -2.22
C ALA A 176 10.01 4.84 -1.94
N LEU A 177 10.45 5.77 -2.82
CA LEU A 177 10.27 7.21 -2.64
C LEU A 177 8.84 7.67 -2.85
N TYR A 178 8.16 7.09 -3.80
CA TYR A 178 6.77 7.41 -4.05
C TYR A 178 5.87 6.95 -2.89
N THR A 179 6.08 5.72 -2.39
CA THR A 179 5.30 5.21 -1.25
C THR A 179 5.59 5.94 0.04
N ALA A 180 6.81 6.46 0.24
CA ALA A 180 7.12 7.25 1.44
C ALA A 180 6.27 8.52 1.40
N LEU A 181 6.09 9.11 0.19
CA LEU A 181 5.27 10.30 -0.01
C LEU A 181 3.77 10.04 0.14
N VAL A 182 3.29 8.90 -0.33
CA VAL A 182 1.90 8.48 -0.16
C VAL A 182 1.61 8.43 1.37
N LEU A 183 2.52 7.87 2.16
CA LEU A 183 2.33 7.78 3.59
C LEU A 183 2.46 9.13 4.35
N ILE A 184 3.50 9.92 4.07
CA ILE A 184 3.70 11.22 4.74
C ILE A 184 2.96 12.31 4.01
N ASN A 185 1.68 12.41 4.31
CA ASN A 185 0.74 13.32 3.68
C ASN A 185 0.22 14.24 4.76
N ALA A 186 0.59 15.53 4.72
CA ALA A 186 0.18 16.50 5.73
C ALA A 186 -1.27 16.91 5.60
N HIS A 187 -1.96 16.47 4.55
CA HIS A 187 -3.37 16.80 4.36
C HIS A 187 -4.32 15.78 4.98
N ARG A 188 -3.81 14.75 5.67
CA ARG A 188 -4.69 13.78 6.29
C ARG A 188 -5.49 14.41 7.41
N PRO A 189 -6.84 14.25 7.39
CA PRO A 189 -7.67 14.77 8.50
C PRO A 189 -7.29 14.17 9.83
N GLY A 190 -7.11 15.00 10.86
CA GLY A 190 -6.84 14.52 12.20
C GLY A 190 -5.44 14.68 12.74
N LEU A 191 -4.53 15.21 11.92
CA LEU A 191 -3.13 15.45 12.32
C LEU A 191 -3.04 16.60 13.28
N GLN A 192 -2.41 16.34 14.41
CA GLN A 192 -2.21 17.35 15.45
C GLN A 192 -1.01 18.25 15.13
N GLU A 193 0.14 17.63 14.78
CA GLU A 193 1.38 18.32 14.44
C GLU A 193 1.52 18.45 12.92
N LYS A 194 0.54 19.11 12.30
CA LYS A 194 0.45 19.33 10.85
C LYS A 194 1.74 19.95 10.25
N ARG A 195 2.30 21.00 10.85
CA ARG A 195 3.50 21.67 10.36
C ARG A 195 4.72 20.74 10.32
N LYS A 196 4.88 19.85 11.33
CA LYS A 196 5.99 18.87 11.36
C LYS A 196 5.84 17.91 10.18
N VAL A 197 4.61 17.42 9.93
CA VAL A 197 4.33 16.54 8.81
C VAL A 197 4.57 17.27 7.48
N GLU A 198 4.19 18.55 7.37
CA GLU A 198 4.38 19.34 6.13
C GLU A 198 5.85 19.43 5.77
N GLN A 199 6.71 19.65 6.76
CA GLN A 199 8.14 19.74 6.53
C GLN A 199 8.73 18.41 6.12
N LEU A 200 8.37 17.34 6.80
CA LEU A 200 8.80 16.00 6.45
C LEU A 200 8.36 15.66 4.99
N GLN A 201 7.11 15.96 4.64
CA GLN A 201 6.58 15.76 3.30
C GLN A 201 7.40 16.55 2.26
N TYR A 202 7.72 17.85 2.54
CA TYR A 202 8.51 18.68 1.63
C TYR A 202 9.86 18.07 1.35
N ASN A 203 10.56 17.61 2.40
CA ASN A 203 11.86 16.94 2.25
C ASN A 203 11.80 15.61 1.51
N LEU A 204 10.74 14.82 1.75
CA LEU A 204 10.54 13.58 1.01
C LEU A 204 10.19 13.85 -0.45
N GLU A 205 9.45 14.95 -0.75
CA GLU A 205 9.14 15.40 -2.13
C GLU A 205 10.42 15.76 -2.86
N LEU A 206 11.30 16.54 -2.19
CA LEU A 206 12.63 16.88 -2.69
C LEU A 206 13.46 15.64 -2.95
N ALA A 207 13.44 14.67 -2.03
CA ALA A 207 14.21 13.43 -2.22
C ALA A 207 13.74 12.66 -3.46
N PHE A 208 12.43 12.50 -3.62
CA PHE A 208 11.86 11.81 -4.76
C PHE A 208 12.20 12.52 -6.06
N HIS A 209 11.98 13.84 -6.13
CA HIS A 209 12.26 14.64 -7.32
C HIS A 209 13.76 14.73 -7.63
N HIS A 210 14.61 14.75 -6.60
CA HIS A 210 16.06 14.70 -6.76
C HIS A 210 16.47 13.39 -7.44
N HIS A 211 15.94 12.27 -6.95
CA HIS A 211 16.25 10.98 -7.53
C HIS A 211 15.80 10.90 -8.99
N LEU A 212 14.61 11.43 -9.31
CA LEU A 212 14.10 11.44 -10.68
C LEU A 212 14.99 12.29 -11.58
N CYS A 213 15.40 13.46 -11.08
CA CYS A 213 16.27 14.36 -11.80
C CYS A 213 17.59 13.66 -12.14
N LYS A 214 18.23 13.05 -11.14
CA LYS A 214 19.51 12.33 -11.23
C LYS A 214 19.46 11.12 -12.16
N THR A 215 18.31 10.45 -12.27
CA THR A 215 18.12 9.27 -13.13
C THR A 215 17.43 9.57 -14.46
N HIS A 216 17.21 10.88 -14.77
CA HIS A 216 16.56 11.33 -16.01
C HIS A 216 15.15 10.69 -16.18
N ARG A 217 14.38 10.76 -15.09
CA ARG A 217 13.05 10.17 -15.02
C ARG A 217 11.97 11.20 -14.62
N GLN A 218 12.28 12.50 -14.73
CA GLN A 218 11.31 13.58 -14.42
C GLN A 218 10.06 13.55 -15.31
N SER A 219 10.13 12.87 -16.45
CA SER A 219 8.99 12.70 -17.36
C SER A 219 7.83 11.89 -16.72
N ILE A 220 8.08 11.13 -15.63
CA ILE A 220 7.00 10.36 -15.00
C ILE A 220 6.09 11.24 -14.13
N LEU A 221 6.59 12.42 -13.71
CA LEU A 221 5.84 13.30 -12.82
C LEU A 221 4.44 13.65 -13.33
N ALA A 222 4.31 13.96 -14.63
CA ALA A 222 3.02 14.27 -15.25
C ALA A 222 2.15 13.03 -15.45
N LYS A 223 2.76 11.83 -15.36
CA LYS A 223 2.10 10.54 -15.61
C LYS A 223 1.62 9.83 -14.35
N LEU A 224 1.96 10.36 -13.17
CA LEU A 224 1.58 9.77 -11.89
C LEU A 224 0.08 9.83 -11.65
N PRO A 225 -0.54 8.88 -10.89
CA PRO A 225 -2.00 9.00 -10.68
C PRO A 225 -2.41 10.30 -9.96
N PRO A 226 -3.59 10.88 -10.30
CA PRO A 226 -4.04 12.07 -9.55
C PRO A 226 -4.30 11.68 -8.10
N LYS A 227 -4.06 12.59 -7.12
CA LYS A 227 -4.19 12.22 -5.67
C LYS A 227 -5.51 11.56 -5.24
N GLY A 228 -6.64 12.02 -5.80
CA GLY A 228 -7.97 11.46 -5.52
C GLY A 228 -8.19 10.06 -6.03
N LYS A 229 -7.31 9.56 -6.92
CA LYS A 229 -7.45 8.21 -7.44
C LYS A 229 -7.26 7.17 -6.32
N LEU A 230 -6.18 7.27 -5.54
CA LEU A 230 -5.94 6.38 -4.42
C LEU A 230 -7.05 6.48 -3.37
N ARG A 231 -7.51 7.70 -3.08
CA ARG A 231 -8.60 7.98 -2.15
C ARG A 231 -9.89 7.27 -2.61
N SER A 232 -10.20 7.34 -3.92
CA SER A 232 -11.39 6.71 -4.48
C SER A 232 -11.35 5.20 -4.28
N LEU A 233 -10.18 4.57 -4.54
CA LEU A 233 -10.02 3.11 -4.36
C LEU A 233 -10.22 2.72 -2.91
N CYS A 234 -9.66 3.50 -1.99
CA CYS A 234 -9.78 3.21 -0.57
C CYS A 234 -11.16 3.40 -0.03
N SER A 235 -11.88 4.39 -0.54
CA SER A 235 -13.27 4.66 -0.18
C SER A 235 -14.17 3.54 -0.71
N GLN A 236 -13.92 3.08 -1.96
CA GLN A 236 -14.69 1.99 -2.54
C GLN A 236 -14.49 0.72 -1.72
N HIS A 237 -13.24 0.43 -1.28
CA HIS A 237 -12.94 -0.74 -0.45
C HIS A 237 -13.76 -0.70 0.86
N VAL A 238 -13.71 0.41 1.57
CA VAL A 238 -14.47 0.55 2.83
C VAL A 238 -15.99 0.37 2.60
N GLU A 239 -16.54 0.92 1.50
CA GLU A 239 -17.96 0.80 1.15
C GLU A 239 -18.36 -0.67 0.89
N ARG A 240 -17.55 -1.38 0.09
CA ARG A 240 -17.79 -2.79 -0.23
C ARG A 240 -17.69 -3.66 1.01
N LEU A 241 -16.75 -3.33 1.93
CA LEU A 241 -16.63 -4.05 3.20
C LEU A 241 -17.92 -3.88 4.00
N GLN A 242 -18.46 -2.66 4.04
CA GLN A 242 -19.72 -2.40 4.75
C GLN A 242 -20.90 -3.24 4.19
N ILE A 243 -20.96 -3.40 2.85
CA ILE A 243 -22.00 -4.24 2.21
C ILE A 243 -21.80 -5.71 2.62
N PHE A 244 -20.55 -6.18 2.59
CA PHE A 244 -20.23 -7.55 2.99
C PHE A 244 -20.58 -7.79 4.44
N GLN A 245 -20.22 -6.83 5.32
CA GLN A 245 -20.48 -6.89 6.75
C GLN A 245 -21.96 -7.03 7.03
N HIS A 246 -22.84 -6.35 6.27
CA HIS A 246 -24.30 -6.47 6.44
C HIS A 246 -24.77 -7.92 6.14
N LEU A 247 -24.16 -8.55 5.11
CA LEU A 247 -24.46 -9.91 4.67
C LEU A 247 -23.93 -10.99 5.59
N HIS A 248 -22.69 -10.82 6.09
CA HIS A 248 -22.03 -11.82 6.93
C HIS A 248 -21.38 -11.14 8.16
N PRO A 249 -22.18 -10.56 9.08
CA PRO A 249 -21.58 -9.83 10.21
C PRO A 249 -20.72 -10.67 11.16
N ILE A 250 -21.08 -11.94 11.38
CA ILE A 250 -20.34 -12.83 12.27
C ILE A 250 -19.06 -13.30 11.61
N VAL A 251 -19.01 -13.34 10.26
CA VAL A 251 -17.76 -13.67 9.58
C VAL A 251 -16.75 -12.59 9.89
N VAL A 252 -17.17 -11.31 9.80
CA VAL A 252 -16.30 -10.16 10.07
C VAL A 252 -15.86 -10.19 11.55
N GLN A 253 -16.83 -10.38 12.45
CA GLN A 253 -16.55 -10.41 13.89
C GLN A 253 -15.67 -11.57 14.33
N ALA A 254 -15.91 -12.76 13.79
CA ALA A 254 -15.19 -13.95 14.20
C ALA A 254 -13.92 -14.29 13.40
N ALA A 255 -13.92 -14.03 12.11
CA ALA A 255 -12.85 -14.51 11.26
C ALA A 255 -12.02 -13.46 10.52
N PHE A 256 -12.30 -12.18 10.67
CA PHE A 256 -11.46 -11.19 9.99
C PHE A 256 -10.31 -10.80 10.89
N PRO A 257 -9.12 -10.52 10.30
CA PRO A 257 -7.98 -10.13 11.15
C PRO A 257 -8.27 -8.88 11.96
N PRO A 258 -7.89 -8.87 13.25
CA PRO A 258 -8.10 -7.66 14.08
C PRO A 258 -7.51 -6.39 13.49
N LEU A 259 -6.29 -6.44 12.88
CA LEU A 259 -5.69 -5.25 12.29
C LEU A 259 -6.53 -4.71 11.14
N TYR A 260 -7.06 -5.61 10.30
CA TYR A 260 -7.94 -5.25 9.20
C TYR A 260 -9.19 -4.50 9.75
N LYS A 261 -9.83 -5.02 10.81
CA LYS A 261 -11.00 -4.37 11.43
C LYS A 261 -10.66 -3.05 12.05
N GLU A 262 -9.48 -2.94 12.66
CA GLU A 262 -9.03 -1.68 13.24
C GLU A 262 -8.90 -0.57 12.15
N LEU A 263 -8.42 -0.95 10.96
CA LEU A 263 -8.22 0.00 9.86
C LEU A 263 -9.44 0.32 9.04
N PHE A 264 -10.29 -0.67 8.79
CA PHE A 264 -11.38 -0.51 7.83
C PHE A 264 -12.80 -0.57 8.37
N SER A 265 -12.99 -0.99 9.64
CA SER A 265 -14.35 -1.05 10.20
C SER A 265 -14.40 -0.53 11.63
N GLY A 266 -13.52 0.44 11.92
CA GLY A 266 -13.38 1.10 13.22
C GLY A 266 -13.16 0.21 14.44
N GLY A 267 -12.50 -0.93 14.23
CA GLY A 267 -12.20 -1.91 15.27
C GLY A 267 -13.17 -3.07 15.27
N LYS B 3 -10.14 2.46 20.25
CA LYS B 3 -9.46 1.39 20.99
C LYS B 3 -8.02 1.17 20.47
N HIS B 4 -7.87 1.16 19.10
CA HIS B 4 -6.65 0.95 18.30
C HIS B 4 -5.66 -0.07 18.89
N LYS B 5 -6.21 -1.21 19.33
CA LYS B 5 -5.49 -2.29 19.97
C LYS B 5 -4.27 -2.80 19.20
N ILE B 6 -4.35 -3.08 17.88
CA ILE B 6 -3.19 -3.67 17.20
C ILE B 6 -2.13 -2.64 16.77
N LEU B 7 -2.52 -1.52 16.17
CA LEU B 7 -1.56 -0.51 15.68
C LEU B 7 -0.63 0.02 16.77
N HIS B 8 -1.20 0.37 17.92
CA HIS B 8 -0.45 0.83 19.09
C HIS B 8 0.63 -0.22 19.48
N ARG B 9 0.27 -1.51 19.52
CA ARG B 9 1.19 -2.60 19.82
C ARG B 9 2.32 -2.73 18.79
N LEU B 10 1.98 -2.71 17.47
CA LEU B 10 2.96 -2.77 16.40
C LEU B 10 3.94 -1.61 16.46
N LEU B 11 3.43 -0.40 16.78
CA LEU B 11 4.24 0.80 16.85
C LEU B 11 5.17 0.81 18.07
N GLN B 12 4.77 0.15 19.16
CA GLN B 12 5.52 0.06 20.41
C GLN B 12 6.48 -1.13 20.46
N ASP B 13 6.37 -2.09 19.53
CA ASP B 13 7.22 -3.29 19.53
C ASP B 13 8.56 -3.10 18.78
N SER B 14 9.68 -3.06 19.55
CA SER B 14 11.05 -2.89 19.02
C SER B 14 11.94 -4.07 19.41
C1 8Y8 C . -4.80 -6.41 -8.37
C2 8Y8 C . -6.96 -6.91 -7.30
C3 8Y8 C . 1.45 -9.81 -3.86
C4 8Y8 C . 2.27 -10.62 -1.79
C5 8Y8 C . -7.66 -7.50 -6.27
C6 8Y8 C . 2.36 -8.78 -3.82
C7 8Y8 C . 3.21 -9.59 -1.73
C8 8Y8 C . -4.89 -7.69 -6.37
C9 8Y8 C . -3.52 -9.64 -4.73
C10 8Y8 C . -5.10 -9.18 -3.08
C11 8Y8 C . -5.57 -7.02 -7.35
C12 8Y8 C . -5.58 -8.29 -5.34
C13 8Y8 C . -4.76 -9.02 -4.42
C14 8Y8 C . 1.40 -10.73 -2.84
C15 8Y8 C . -6.97 -8.20 -5.28
C16 8Y8 C . 3.23 -8.68 -2.76
C17 8Y8 C . -2.93 -10.25 -3.65
C18 8Y8 C . -0.97 -11.24 -2.52
C19 8Y8 C . 2.21 -5.87 -1.90
C20 8Y8 C . -9.08 -8.71 -4.32
C21 8Y8 C . 0.37 -11.82 -2.89
C22 8Y8 C . 3.65 -6.20 -1.54
N23 8Y8 C . -4.14 -5.91 -9.17
N24 8Y8 C . -1.73 -10.95 -3.63
O25 8Y8 C . -1.28 -11.04 -1.35
O26 8Y8 C . 4.34 -6.68 -4.03
O27 8Y8 C . 5.60 -7.87 -2.19
O28 8Y8 C . -7.65 -8.84 -4.24
S29 8Y8 C . -3.92 -10.10 -2.25
S30 8Y8 C . 4.38 -7.32 -2.73
NA NA D . 4.34 -4.63 -12.84
S DMS E . 0.19 14.31 -11.60
O DMS E . 0.52 15.73 -11.82
C1 DMS E . -0.92 14.34 -10.22
C2 DMS E . -0.95 13.96 -12.91
#